data_4DOK
#
_entry.id   4DOK
#
_cell.length_a   115.997
_cell.length_b   65.869
_cell.length_c   70.245
_cell.angle_alpha   90.000
_cell.angle_beta   117.150
_cell.angle_gamma   90.000
#
_symmetry.space_group_name_H-M   'C 1 2 1'
#
loop_
_entity.id
_entity.type
_entity.pdbx_description
1 polymer 'Similarity to chalcone-flavonone isomerase'
2 non-polymer 'CALCIUM ION'
3 non-polymer 'ACETATE ION'
4 water water
#
_entity_poly.entity_id   1
_entity_poly.type   'polypeptide(L)'
_entity_poly.pdbx_seq_one_letter_code
;STGMVMVHEVPFPPQIITSKPLSLLGQGITDIEIHFLQVKFTAIGVYLDPSDVKTHLDNWKGKTGKELAGDDDFFDALAS
AEMEKVIRVVVIKEIKGAQYGVQLENTVRDRLAEEDKYEEEEETELEKVVGFFQSKYFKANSVITYHFSAKDGICEIGFE
TEGKEEEKLKVENANVVGMMQRWYLSGSRGVSPSTIVSIADSISAVLT
;
_entity_poly.pdbx_strand_id   A,B
#
loop_
_chem_comp.id
_chem_comp.type
_chem_comp.name
_chem_comp.formula
ACT non-polymer 'ACETATE ION' 'C2 H3 O2 -1'
CA non-polymer 'CALCIUM ION' 'Ca 2'
#
# COMPACT_ATOMS: atom_id res chain seq x y z
N SER A 1 7.45 13.98 25.15
CA SER A 1 8.03 15.29 25.56
C SER A 1 7.74 16.38 24.52
N THR A 2 8.17 16.13 23.28
CA THR A 2 7.98 17.08 22.20
C THR A 2 7.07 16.53 21.10
N GLY A 3 6.17 15.62 21.48
CA GLY A 3 5.26 15.03 20.53
C GLY A 3 5.88 13.87 19.77
N MET A 4 5.05 13.18 18.98
CA MET A 4 5.52 12.04 18.20
C MET A 4 5.03 12.11 16.76
N VAL A 5 5.86 11.64 15.83
CA VAL A 5 5.48 11.62 14.42
C VAL A 5 4.74 10.30 14.21
N MET A 6 3.57 10.35 13.60
CA MET A 6 2.81 9.14 13.36
C MET A 6 3.13 8.54 12.00
N VAL A 7 3.65 7.31 12.02
CA VAL A 7 3.99 6.60 10.79
C VAL A 7 2.98 5.47 10.70
N HIS A 8 1.98 5.64 9.83
CA HIS A 8 0.93 4.63 9.68
C HIS A 8 0.34 4.33 11.06
N GLU A 9 0.02 5.41 11.78
CA GLU A 9 -0.59 5.34 13.11
C GLU A 9 0.29 4.79 14.22
N VAL A 10 1.59 4.65 13.94
CA VAL A 10 2.56 4.18 14.93
C VAL A 10 3.44 5.37 15.31
N PRO A 11 3.54 5.68 16.61
CA PRO A 11 4.36 6.81 17.06
C PRO A 11 5.88 6.61 16.98
N PHE A 12 6.56 7.61 16.44
CA PHE A 12 8.01 7.61 16.30
C PHE A 12 8.56 8.92 16.85
N PRO A 13 9.67 8.86 17.58
CA PRO A 13 10.19 10.14 18.09
C PRO A 13 10.70 10.92 16.89
N PRO A 14 10.54 12.26 16.90
CA PRO A 14 10.99 13.09 15.78
C PRO A 14 12.51 13.02 15.61
N GLN A 15 13.20 12.81 16.72
CA GLN A 15 14.65 12.70 16.72
C GLN A 15 15.12 11.68 17.73
N ILE A 16 16.30 11.14 17.48
CA ILE A 16 16.93 10.18 18.37
C ILE A 16 18.34 10.73 18.54
N ILE A 17 18.78 10.84 19.77
CA ILE A 17 20.10 11.39 20.03
C ILE A 17 21.12 10.32 20.42
N THR A 18 22.13 10.15 19.57
CA THR A 18 23.20 9.20 19.85
C THR A 18 24.39 10.08 20.22
N SER A 19 25.34 10.26 19.31
CA SER A 19 26.49 11.14 19.57
C SER A 19 26.03 12.58 19.30
N LYS A 20 24.92 12.68 18.59
CA LYS A 20 24.31 13.97 18.24
C LYS A 20 22.88 13.68 17.78
N PRO A 21 22.06 14.71 17.61
CA PRO A 21 20.67 14.51 17.18
C PRO A 21 20.54 13.96 15.75
N LEU A 22 19.71 12.94 15.59
CA LEU A 22 19.47 12.35 14.28
C LEU A 22 17.99 12.58 13.97
N SER A 23 17.69 13.05 12.76
CA SER A 23 16.30 13.33 12.37
C SER A 23 15.66 12.16 11.64
N LEU A 24 14.35 12.00 11.82
CA LEU A 24 13.59 10.96 11.14
C LEU A 24 13.46 11.41 9.69
N LEU A 25 14.42 11.03 8.86
CA LEU A 25 14.43 11.43 7.45
C LEU A 25 13.71 10.46 6.53
N GLY A 26 13.54 9.23 6.98
CA GLY A 26 12.85 8.25 6.17
C GLY A 26 11.84 7.49 6.99
N GLN A 27 10.66 7.25 6.43
CA GLN A 27 9.64 6.50 7.13
C GLN A 27 8.82 5.71 6.14
N GLY A 28 8.26 4.60 6.61
CA GLY A 28 7.47 3.77 5.73
C GLY A 28 7.08 2.49 6.42
N ILE A 29 6.77 1.47 5.64
CA ILE A 29 6.36 0.18 6.20
C ILE A 29 6.86 -0.98 5.37
N THR A 30 6.73 -2.17 5.93
CA THR A 30 7.07 -3.38 5.19
C THR A 30 5.71 -4.02 5.09
N ASP A 31 5.35 -4.49 3.91
CA ASP A 31 4.06 -5.13 3.72
C ASP A 31 4.17 -6.21 2.67
N ILE A 32 3.09 -6.96 2.53
CA ILE A 32 3.01 -8.01 1.53
C ILE A 32 1.53 -8.10 1.18
N GLU A 33 1.24 -8.39 -0.08
CA GLU A 33 -0.15 -8.51 -0.47
C GLU A 33 -0.60 -9.95 -0.25
N ILE A 34 -1.67 -10.11 0.52
CA ILE A 34 -2.24 -11.41 0.80
C ILE A 34 -3.73 -11.33 0.52
N HIS A 35 -4.23 -12.23 -0.33
CA HIS A 35 -5.64 -12.24 -0.67
C HIS A 35 -6.13 -10.88 -1.20
N PHE A 36 -5.33 -10.33 -2.12
CA PHE A 36 -5.62 -9.05 -2.79
C PHE A 36 -5.53 -7.82 -1.89
N LEU A 37 -5.14 -8.00 -0.63
CA LEU A 37 -5.03 -6.86 0.28
C LEU A 37 -3.64 -6.65 0.86
N GLN A 38 -3.33 -5.40 1.16
CA GLN A 38 -2.05 -5.04 1.74
C GLN A 38 -2.04 -5.41 3.23
N VAL A 39 -1.08 -6.22 3.63
CA VAL A 39 -0.95 -6.60 5.04
C VAL A 39 0.31 -5.92 5.57
N LYS A 40 0.12 -4.98 6.48
CA LYS A 40 1.26 -4.25 7.05
C LYS A 40 1.88 -5.01 8.20
N PHE A 41 3.18 -5.27 8.11
CA PHE A 41 3.90 -6.00 9.15
C PHE A 41 4.68 -5.12 10.12
N THR A 42 5.36 -4.10 9.61
CA THR A 42 6.14 -3.22 10.46
C THR A 42 6.14 -1.78 9.95
N ALA A 43 6.42 -0.85 10.85
CA ALA A 43 6.54 0.57 10.50
C ALA A 43 8.03 0.82 10.68
N ILE A 44 8.61 1.56 9.74
CA ILE A 44 10.04 1.84 9.77
C ILE A 44 10.38 3.32 9.82
N GLY A 45 11.42 3.64 10.57
CA GLY A 45 11.89 5.01 10.67
C GLY A 45 13.40 5.00 10.55
N VAL A 46 13.94 5.80 9.63
CA VAL A 46 15.39 5.87 9.45
C VAL A 46 15.86 7.24 9.94
N TYR A 47 16.81 7.21 10.86
CA TYR A 47 17.35 8.42 11.47
C TYR A 47 18.78 8.74 11.04
N LEU A 48 18.97 9.97 10.56
CA LEU A 48 20.26 10.44 10.07
C LEU A 48 20.43 11.91 10.45
N ASP A 49 21.67 12.35 10.59
CA ASP A 49 21.96 13.75 10.89
C ASP A 49 22.06 14.47 9.54
N PRO A 50 21.24 15.52 9.35
CA PRO A 50 21.27 16.28 8.09
C PRO A 50 22.68 16.78 7.75
N SER A 51 23.45 17.18 8.76
CA SER A 51 24.80 17.66 8.53
C SER A 51 25.68 16.56 7.95
N ASP A 52 25.49 15.32 8.40
CA ASP A 52 26.27 14.19 7.87
C ASP A 52 25.86 13.94 6.41
N VAL A 53 24.58 14.06 6.14
CA VAL A 53 24.06 13.88 4.78
C VAL A 53 24.76 14.88 3.86
N LYS A 54 24.81 16.14 4.28
CA LYS A 54 25.46 17.18 3.49
C LYS A 54 26.96 16.94 3.30
N THR A 55 27.60 16.42 4.34
CA THR A 55 29.04 16.15 4.31
C THR A 55 29.44 14.95 3.45
N HIS A 56 28.66 13.89 3.51
CA HIS A 56 28.98 12.67 2.78
C HIS A 56 28.28 12.42 1.45
N LEU A 57 27.16 13.09 1.21
CA LEU A 57 26.43 12.86 -0.03
C LEU A 57 26.27 14.08 -0.92
N ASP A 58 27.18 15.04 -0.75
CA ASP A 58 27.16 16.28 -1.53
C ASP A 58 27.18 16.04 -3.03
N ASN A 59 27.75 14.93 -3.47
CA ASN A 59 27.81 14.61 -4.90
C ASN A 59 26.44 14.41 -5.52
N TRP A 60 25.43 14.21 -4.69
CA TRP A 60 24.09 14.00 -5.19
C TRP A 60 23.19 15.22 -5.05
N LYS A 61 23.78 16.35 -4.69
CA LYS A 61 23.02 17.59 -4.56
C LYS A 61 22.44 17.95 -5.93
N GLY A 62 21.26 18.54 -5.93
CA GLY A 62 20.64 18.91 -7.20
C GLY A 62 19.71 17.84 -7.74
N LYS A 63 19.90 16.61 -7.26
CA LYS A 63 19.06 15.50 -7.69
C LYS A 63 17.70 15.54 -7.00
N THR A 64 16.65 15.17 -7.73
CA THR A 64 15.31 15.16 -7.18
C THR A 64 15.10 13.88 -6.40
N GLY A 65 14.03 13.83 -5.62
CA GLY A 65 13.74 12.64 -4.84
C GLY A 65 13.52 11.45 -5.76
N LYS A 66 12.86 11.70 -6.88
CA LYS A 66 12.57 10.65 -7.86
C LYS A 66 13.87 10.07 -8.44
N GLU A 67 14.83 10.95 -8.73
CA GLU A 67 16.11 10.51 -9.28
C GLU A 67 16.93 9.70 -8.28
N LEU A 68 16.90 10.13 -7.01
CA LEU A 68 17.64 9.44 -5.97
C LEU A 68 17.03 8.08 -5.64
N ALA A 69 15.70 8.00 -5.65
CA ALA A 69 15.00 6.76 -5.35
C ALA A 69 15.25 5.70 -6.40
N GLY A 70 15.61 6.13 -7.60
CA GLY A 70 15.87 5.19 -8.68
C GLY A 70 17.35 4.97 -8.96
N ASP A 71 18.20 5.32 -8.00
CA ASP A 71 19.64 5.15 -8.16
C ASP A 71 20.25 4.37 -7.00
N ASP A 72 20.66 3.14 -7.27
CA ASP A 72 21.25 2.30 -6.23
C ASP A 72 22.63 2.76 -5.80
N ASP A 73 23.36 3.45 -6.68
CA ASP A 73 24.69 3.93 -6.31
C ASP A 73 24.54 4.92 -5.15
N PHE A 74 23.44 5.66 -5.16
CA PHE A 74 23.18 6.63 -4.10
C PHE A 74 23.01 5.92 -2.76
N PHE A 75 22.18 4.88 -2.75
CA PHE A 75 21.95 4.14 -1.51
C PHE A 75 23.17 3.35 -1.06
N ASP A 76 24.03 2.95 -2.00
CA ASP A 76 25.23 2.23 -1.62
C ASP A 76 26.18 3.24 -0.99
N ALA A 77 26.13 4.47 -1.48
CA ALA A 77 26.97 5.55 -0.96
C ALA A 77 26.49 5.91 0.44
N LEU A 78 25.17 5.92 0.64
CA LEU A 78 24.60 6.22 1.94
C LEU A 78 25.00 5.14 2.95
N ALA A 79 24.94 3.88 2.52
CA ALA A 79 25.31 2.77 3.38
C ALA A 79 26.80 2.73 3.68
N SER A 80 27.62 3.06 2.69
CA SER A 80 29.07 3.06 2.83
C SER A 80 29.58 4.26 3.63
N ALA A 81 28.82 5.36 3.59
CA ALA A 81 29.20 6.58 4.30
C ALA A 81 29.44 6.34 5.79
N GLU A 82 30.56 6.88 6.29
CA GLU A 82 30.91 6.74 7.71
C GLU A 82 30.21 7.80 8.55
N MET A 83 28.93 7.58 8.80
CA MET A 83 28.07 8.45 9.60
C MET A 83 27.12 7.49 10.25
N GLU A 84 26.72 7.75 11.48
CA GLU A 84 25.83 6.80 12.07
C GLU A 84 24.39 6.93 11.59
N LYS A 85 23.68 5.82 11.71
CA LYS A 85 22.31 5.77 11.29
C LYS A 85 21.61 4.89 12.32
N VAL A 86 20.35 5.20 12.57
CA VAL A 86 19.56 4.37 13.46
C VAL A 86 18.34 4.00 12.65
N ILE A 87 18.00 2.70 12.67
CA ILE A 87 16.81 2.24 11.98
C ILE A 87 15.92 1.70 13.07
N ARG A 88 14.72 2.27 13.18
CA ARG A 88 13.76 1.88 14.19
C ARG A 88 12.61 1.13 13.52
N VAL A 89 12.33 -0.07 14.01
CA VAL A 89 11.28 -0.88 13.44
C VAL A 89 10.26 -1.24 14.51
N VAL A 90 9.00 -0.90 14.28
CA VAL A 90 7.95 -1.20 15.22
C VAL A 90 7.02 -2.25 14.62
N VAL A 91 6.74 -3.29 15.38
CA VAL A 91 5.88 -4.37 14.92
C VAL A 91 4.41 -3.96 14.84
N ILE A 92 3.81 -4.17 13.68
CA ILE A 92 2.39 -3.87 13.50
C ILE A 92 1.64 -5.19 13.59
N LYS A 93 2.05 -6.17 12.80
CA LYS A 93 1.40 -7.49 12.84
C LYS A 93 2.21 -8.41 13.75
N GLU A 94 1.60 -8.89 14.83
CA GLU A 94 2.34 -9.76 15.74
C GLU A 94 2.75 -11.05 15.04
N ILE A 95 3.98 -11.47 15.29
CA ILE A 95 4.54 -12.67 14.69
C ILE A 95 5.61 -13.22 15.63
N LYS A 96 6.10 -14.42 15.33
CA LYS A 96 7.17 -15.01 16.11
C LYS A 96 8.42 -14.28 15.61
N GLY A 97 9.35 -13.98 16.51
CA GLY A 97 10.57 -13.29 16.12
C GLY A 97 11.31 -14.06 15.05
N ALA A 98 11.17 -15.38 15.07
CA ALA A 98 11.84 -16.23 14.09
C ALA A 98 11.42 -15.91 12.65
N GLN A 99 10.18 -15.46 12.46
CA GLN A 99 9.71 -15.14 11.11
C GLN A 99 10.53 -13.97 10.57
N TYR A 100 10.75 -12.97 11.42
CA TYR A 100 11.52 -11.80 11.04
C TYR A 100 12.99 -12.21 10.86
N GLY A 101 13.51 -12.97 11.83
CA GLY A 101 14.88 -13.41 11.78
C GLY A 101 15.27 -14.20 10.56
N VAL A 102 14.42 -15.12 10.13
CA VAL A 102 14.75 -15.93 8.96
C VAL A 102 14.62 -15.15 7.66
N GLN A 103 13.81 -14.09 7.66
CA GLN A 103 13.67 -13.28 6.46
C GLN A 103 14.98 -12.50 6.31
N LEU A 104 15.47 -11.97 7.42
CA LEU A 104 16.72 -11.22 7.44
C LEU A 104 17.86 -12.14 6.98
N GLU A 105 17.94 -13.31 7.62
CA GLU A 105 18.97 -14.30 7.29
C GLU A 105 18.99 -14.67 5.82
N ASN A 106 17.82 -14.94 5.26
CA ASN A 106 17.69 -15.32 3.86
C ASN A 106 18.29 -14.29 2.92
N THR A 107 17.87 -13.04 3.07
CA THR A 107 18.37 -11.97 2.22
C THR A 107 19.84 -11.63 2.45
N VAL A 108 20.26 -11.51 3.70
CA VAL A 108 21.66 -11.18 3.99
C VAL A 108 22.61 -12.25 3.48
N ARG A 109 22.28 -13.51 3.73
CA ARG A 109 23.11 -14.62 3.27
C ARG A 109 23.18 -14.67 1.74
N ASP A 110 22.03 -14.56 1.08
CA ASP A 110 21.99 -14.59 -0.37
C ASP A 110 22.86 -13.51 -1.00
N ARG A 111 22.72 -12.28 -0.51
CA ARG A 111 23.50 -11.18 -1.05
C ARG A 111 24.99 -11.28 -0.75
N LEU A 112 25.34 -11.76 0.44
CA LEU A 112 26.75 -11.91 0.78
C LEU A 112 27.38 -12.98 -0.10
N ALA A 113 26.63 -14.06 -0.35
CA ALA A 113 27.10 -15.15 -1.18
C ALA A 113 27.29 -14.67 -2.61
N GLU A 114 26.42 -13.77 -3.05
CA GLU A 114 26.50 -13.20 -4.40
C GLU A 114 27.79 -12.43 -4.59
N GLU A 115 28.25 -11.80 -3.51
CA GLU A 115 29.48 -11.02 -3.54
C GLU A 115 30.68 -11.82 -3.08
N ASP A 116 30.48 -13.12 -2.91
CA ASP A 116 31.55 -14.01 -2.47
C ASP A 116 32.13 -13.50 -1.16
N LYS A 117 31.23 -13.14 -0.24
CA LYS A 117 31.63 -12.63 1.07
C LYS A 117 30.89 -13.36 2.17
N TYR A 118 30.67 -14.65 1.97
CA TYR A 118 29.97 -15.45 2.96
C TYR A 118 30.78 -16.68 3.35
N GLU A 119 31.70 -16.52 4.28
CA GLU A 119 32.52 -17.62 4.77
C GLU A 119 32.03 -17.96 6.18
N GLU A 120 32.77 -18.79 6.91
CA GLU A 120 32.33 -19.17 8.25
C GLU A 120 32.25 -18.01 9.23
N GLU A 121 33.09 -17.00 9.03
CA GLU A 121 33.07 -15.83 9.92
C GLU A 121 31.72 -15.11 9.80
N GLU A 122 31.27 -14.91 8.57
CA GLU A 122 29.97 -14.25 8.33
C GLU A 122 28.82 -15.14 8.80
N GLU A 123 28.91 -16.42 8.47
CA GLU A 123 27.86 -17.38 8.84
C GLU A 123 27.64 -17.41 10.35
N THR A 124 28.74 -17.45 11.11
CA THR A 124 28.65 -17.50 12.56
C THR A 124 27.98 -16.24 13.12
N GLU A 125 28.38 -15.08 12.61
CA GLU A 125 27.81 -13.82 13.06
C GLU A 125 26.32 -13.77 12.72
N LEU A 126 25.98 -14.13 11.49
CA LEU A 126 24.59 -14.12 11.05
C LEU A 126 23.74 -15.06 11.91
N GLU A 127 24.29 -16.20 12.28
CA GLU A 127 23.55 -17.16 13.10
C GLU A 127 23.23 -16.56 14.47
N LYS A 128 24.11 -15.69 14.97
CA LYS A 128 23.87 -15.06 16.26
C LYS A 128 22.74 -14.04 16.16
N VAL A 129 22.62 -13.40 15.00
CA VAL A 129 21.54 -12.42 14.81
C VAL A 129 20.22 -13.20 14.75
N VAL A 130 20.22 -14.32 14.04
CA VAL A 130 19.03 -15.15 13.92
C VAL A 130 18.63 -15.70 15.29
N GLY A 131 19.63 -16.12 16.07
CA GLY A 131 19.37 -16.65 17.39
C GLY A 131 18.75 -15.61 18.30
N PHE A 132 19.17 -14.35 18.12
CA PHE A 132 18.68 -13.25 18.92
C PHE A 132 17.18 -13.05 18.73
N PHE A 133 16.74 -13.06 17.46
CA PHE A 133 15.34 -12.88 17.15
C PHE A 133 14.44 -14.10 17.37
N GLN A 134 14.97 -15.30 17.17
CA GLN A 134 14.11 -16.49 17.34
C GLN A 134 13.68 -16.79 18.78
N SER A 135 14.37 -16.21 19.76
CA SER A 135 14.01 -16.45 21.16
C SER A 135 12.95 -15.46 21.62
N LYS A 136 12.49 -14.61 20.71
CA LYS A 136 11.51 -13.58 21.05
C LYS A 136 10.20 -13.65 20.31
N TYR A 137 9.13 -13.18 20.96
CA TYR A 137 7.84 -13.13 20.34
C TYR A 137 7.58 -11.66 20.04
N PHE A 138 7.25 -11.35 18.79
CA PHE A 138 7.00 -9.98 18.38
C PHE A 138 5.55 -9.54 18.60
N LYS A 139 5.25 -9.01 19.78
CA LYS A 139 3.90 -8.53 20.05
C LYS A 139 3.79 -7.18 19.35
N ALA A 140 2.58 -6.79 18.97
CA ALA A 140 2.39 -5.50 18.32
C ALA A 140 2.99 -4.42 19.23
N ASN A 141 3.64 -3.44 18.60
CA ASN A 141 4.27 -2.32 19.29
C ASN A 141 5.65 -2.66 19.87
N SER A 142 6.12 -3.88 19.64
CA SER A 142 7.46 -4.26 20.08
C SER A 142 8.38 -3.42 19.19
N VAL A 143 9.54 -3.02 19.71
CA VAL A 143 10.45 -2.20 18.92
C VAL A 143 11.82 -2.81 18.71
N ILE A 144 12.25 -2.84 17.46
CA ILE A 144 13.56 -3.34 17.10
C ILE A 144 14.37 -2.13 16.61
N THR A 145 15.57 -1.95 17.15
CA THR A 145 16.40 -0.83 16.72
C THR A 145 17.76 -1.33 16.25
N TYR A 146 18.29 -0.68 15.22
CA TYR A 146 19.60 -0.99 14.67
C TYR A 146 20.42 0.29 14.75
N HIS A 147 21.51 0.26 15.49
CA HIS A 147 22.36 1.43 15.60
C HIS A 147 23.67 1.14 14.89
N PHE A 148 23.86 1.75 13.73
CA PHE A 148 25.07 1.55 12.95
C PHE A 148 26.12 2.61 13.24
N SER A 149 27.30 2.15 13.65
CA SER A 149 28.41 3.04 13.96
C SER A 149 28.92 3.67 12.68
N ALA A 150 29.47 4.88 12.80
CA ALA A 150 30.00 5.59 11.65
C ALA A 150 31.17 4.83 11.01
N LYS A 151 32.03 4.27 11.84
CA LYS A 151 33.19 3.53 11.34
C LYS A 151 33.36 2.16 12.00
N ASP A 152 34.28 1.38 11.45
CA ASP A 152 34.60 0.05 11.95
C ASP A 152 33.50 -1.01 11.80
N GLY A 153 32.44 -0.67 11.08
CA GLY A 153 31.35 -1.60 10.85
C GLY A 153 30.78 -2.33 12.06
N ILE A 154 30.17 -1.58 12.97
CA ILE A 154 29.55 -2.16 14.16
C ILE A 154 28.08 -1.81 14.20
N CYS A 155 27.26 -2.77 14.64
CA CYS A 155 25.82 -2.53 14.76
C CYS A 155 25.34 -3.09 16.08
N GLU A 156 24.57 -2.30 16.81
CA GLU A 156 24.02 -2.78 18.05
C GLU A 156 22.53 -2.89 17.82
N ILE A 157 21.99 -4.08 18.04
CA ILE A 157 20.57 -4.33 17.86
C ILE A 157 19.91 -4.29 19.22
N GLY A 158 18.75 -3.65 19.28
CA GLY A 158 18.02 -3.58 20.53
C GLY A 158 16.61 -4.09 20.29
N PHE A 159 16.03 -4.71 21.31
CA PHE A 159 14.66 -5.21 21.21
C PHE A 159 13.95 -4.82 22.50
N GLU A 160 12.86 -4.08 22.35
CA GLU A 160 12.10 -3.65 23.53
C GLU A 160 10.63 -4.03 23.39
N THR A 161 10.06 -4.49 24.49
CA THR A 161 8.66 -4.88 24.50
C THR A 161 8.13 -4.63 25.92
N GLU A 162 6.87 -4.22 26.01
CA GLU A 162 6.27 -3.93 27.30
C GLU A 162 6.47 -5.03 28.34
N GLY A 163 6.96 -4.64 29.51
CA GLY A 163 7.19 -5.61 30.58
C GLY A 163 8.61 -6.10 30.76
N LYS A 164 9.37 -6.18 29.67
CA LYS A 164 10.75 -6.65 29.75
C LYS A 164 11.76 -5.52 29.62
N GLU A 165 12.94 -5.70 30.21
CA GLU A 165 13.98 -4.70 30.08
C GLU A 165 14.48 -4.93 28.66
N GLU A 166 14.94 -3.88 28.00
CA GLU A 166 15.41 -4.00 26.63
C GLU A 166 16.57 -5.00 26.53
N GLU A 167 16.60 -5.74 25.43
CA GLU A 167 17.66 -6.72 25.17
C GLU A 167 18.49 -6.21 24.00
N LYS A 168 19.80 -6.43 24.07
CA LYS A 168 20.68 -5.97 23.01
C LYS A 168 21.65 -7.01 22.48
N LEU A 169 22.08 -6.80 21.24
CA LEU A 169 23.02 -7.69 20.59
C LEU A 169 24.03 -6.85 19.82
N LYS A 170 25.32 -7.06 20.07
CA LYS A 170 26.34 -6.32 19.35
C LYS A 170 26.83 -7.19 18.19
N VAL A 171 26.81 -6.61 16.99
CA VAL A 171 27.26 -7.32 15.78
C VAL A 171 28.51 -6.60 15.31
N GLU A 172 29.61 -7.35 15.14
CA GLU A 172 30.86 -6.72 14.73
C GLU A 172 31.46 -7.14 13.39
N ASN A 173 30.90 -8.16 12.76
CA ASN A 173 31.42 -8.58 11.47
C ASN A 173 31.06 -7.53 10.43
N ALA A 174 32.07 -6.89 9.87
CA ALA A 174 31.86 -5.83 8.87
C ALA A 174 30.96 -6.20 7.69
N ASN A 175 31.15 -7.38 7.12
CA ASN A 175 30.34 -7.80 5.98
C ASN A 175 28.88 -7.98 6.35
N VAL A 176 28.64 -8.61 7.50
CA VAL A 176 27.28 -8.84 7.95
C VAL A 176 26.61 -7.51 8.32
N VAL A 177 27.36 -6.67 9.03
CA VAL A 177 26.83 -5.36 9.44
C VAL A 177 26.45 -4.54 8.22
N GLY A 178 27.33 -4.53 7.22
CA GLY A 178 27.07 -3.77 6.02
C GLY A 178 25.86 -4.26 5.23
N MET A 179 25.68 -5.57 5.15
CA MET A 179 24.55 -6.12 4.40
C MET A 179 23.23 -5.99 5.18
N MET A 180 23.31 -6.01 6.50
CA MET A 180 22.10 -5.86 7.33
C MET A 180 21.58 -4.44 7.07
N GLN A 181 22.50 -3.51 6.96
CA GLN A 181 22.16 -2.13 6.71
C GLN A 181 21.53 -2.01 5.33
N ARG A 182 22.11 -2.69 4.35
CA ARG A 182 21.60 -2.65 2.98
C ARG A 182 20.28 -3.39 2.79
N TRP A 183 19.91 -4.21 3.77
CA TRP A 183 18.65 -4.94 3.69
C TRP A 183 17.55 -3.87 3.65
N TYR A 184 17.76 -2.81 4.42
CA TYR A 184 16.84 -1.68 4.48
C TYR A 184 17.25 -0.57 3.50
N LEU A 185 18.54 -0.24 3.48
CA LEU A 185 19.04 0.80 2.61
C LEU A 185 19.55 0.27 1.27
N SER A 186 18.62 -0.03 0.39
CA SER A 186 18.93 -0.53 -0.95
C SER A 186 17.88 0.08 -1.87
N GLY A 187 18.34 0.74 -2.93
CA GLY A 187 17.40 1.36 -3.85
C GLY A 187 16.36 0.42 -4.42
N SER A 188 16.81 -0.61 -5.13
CA SER A 188 15.90 -1.56 -5.75
C SER A 188 15.71 -2.87 -4.99
N ARG A 189 16.57 -3.13 -4.00
CA ARG A 189 16.47 -4.38 -3.25
C ARG A 189 16.12 -4.20 -1.77
N GLY A 190 15.71 -2.98 -1.40
CA GLY A 190 15.35 -2.72 -0.01
C GLY A 190 14.09 -3.44 0.36
N VAL A 191 13.97 -3.88 1.61
CA VAL A 191 12.79 -4.59 2.05
C VAL A 191 11.57 -3.66 2.16
N SER A 192 11.84 -2.35 2.17
CA SER A 192 10.76 -1.37 2.27
C SER A 192 10.87 -0.28 1.21
N PRO A 193 10.24 -0.49 0.04
CA PRO A 193 10.31 0.51 -1.03
C PRO A 193 9.73 1.85 -0.56
N SER A 194 8.72 1.79 0.30
CA SER A 194 8.09 3.00 0.82
C SER A 194 9.10 3.86 1.58
N THR A 195 9.90 3.23 2.43
CA THR A 195 10.90 3.95 3.20
C THR A 195 11.95 4.52 2.26
N ILE A 196 12.32 3.75 1.23
CA ILE A 196 13.31 4.21 0.26
C ILE A 196 12.85 5.50 -0.43
N VAL A 197 11.60 5.52 -0.86
CA VAL A 197 11.03 6.71 -1.50
C VAL A 197 11.09 7.89 -0.53
N SER A 198 10.71 7.62 0.72
CA SER A 198 10.70 8.65 1.77
C SER A 198 12.09 9.25 2.02
N ILE A 199 13.09 8.38 2.17
CA ILE A 199 14.46 8.81 2.40
C ILE A 199 14.97 9.67 1.24
N ALA A 200 14.68 9.21 0.03
CA ALA A 200 15.10 9.91 -1.18
C ALA A 200 14.52 11.32 -1.20
N ASP A 201 13.23 11.44 -0.92
CA ASP A 201 12.60 12.75 -0.90
C ASP A 201 13.22 13.67 0.15
N SER A 202 13.46 13.14 1.34
CA SER A 202 14.05 13.93 2.42
C SER A 202 15.48 14.36 2.11
N ILE A 203 16.31 13.43 1.66
CA ILE A 203 17.69 13.79 1.34
C ILE A 203 17.76 14.78 0.20
N SER A 204 16.86 14.66 -0.78
CA SER A 204 16.84 15.60 -1.89
C SER A 204 16.62 17.01 -1.34
N ALA A 205 15.71 17.13 -0.37
CA ALA A 205 15.40 18.40 0.25
C ALA A 205 16.58 18.91 1.07
N VAL A 206 17.25 17.99 1.76
CA VAL A 206 18.41 18.35 2.57
C VAL A 206 19.55 18.90 1.72
N LEU A 207 19.77 18.26 0.56
CA LEU A 207 20.84 18.67 -0.35
C LEU A 207 20.49 19.83 -1.26
N THR A 208 19.19 20.07 -1.45
CA THR A 208 18.74 21.16 -2.31
C THR A 208 18.92 22.51 -1.63
N SER B 1 -2.03 -16.08 -19.41
CA SER B 1 -2.29 -16.99 -18.26
C SER B 1 -3.56 -17.79 -18.48
N THR B 2 -4.70 -17.21 -18.10
CA THR B 2 -5.99 -17.87 -18.26
C THR B 2 -6.85 -17.04 -19.22
N GLY B 3 -6.21 -16.17 -20.00
CA GLY B 3 -6.94 -15.36 -20.95
C GLY B 3 -7.50 -14.07 -20.35
N MET B 4 -8.09 -13.24 -21.21
CA MET B 4 -8.66 -11.99 -20.78
C MET B 4 -10.01 -11.72 -21.42
N VAL B 5 -10.87 -11.01 -20.70
CA VAL B 5 -12.18 -10.64 -21.23
C VAL B 5 -11.98 -9.24 -21.78
N MET B 6 -12.40 -9.00 -23.02
CA MET B 6 -12.23 -7.68 -23.60
C MET B 6 -13.43 -6.80 -23.30
N VAL B 7 -13.16 -5.65 -22.68
CA VAL B 7 -14.21 -4.69 -22.34
C VAL B 7 -13.89 -3.43 -23.15
N HIS B 8 -14.59 -3.24 -24.25
CA HIS B 8 -14.34 -2.09 -25.12
C HIS B 8 -12.85 -2.00 -25.45
N GLU B 9 -12.28 -3.12 -25.86
CA GLU B 9 -10.87 -3.23 -26.24
C GLU B 9 -9.88 -3.22 -25.09
N VAL B 10 -10.38 -3.17 -23.86
CA VAL B 10 -9.50 -3.15 -22.69
C VAL B 10 -9.53 -4.53 -22.03
N PRO B 11 -8.35 -5.15 -21.84
CA PRO B 11 -8.33 -6.48 -21.22
C PRO B 11 -8.62 -6.47 -19.72
N PHE B 12 -9.47 -7.40 -19.31
CA PHE B 12 -9.85 -7.58 -17.90
C PHE B 12 -9.73 -9.06 -17.55
N PRO B 13 -9.16 -9.37 -16.38
CA PRO B 13 -9.06 -10.80 -16.03
C PRO B 13 -10.47 -11.32 -15.79
N PRO B 14 -10.75 -12.56 -16.21
CA PRO B 14 -12.07 -13.19 -16.04
C PRO B 14 -12.47 -13.28 -14.58
N GLN B 15 -11.46 -13.37 -13.71
CA GLN B 15 -11.68 -13.45 -12.28
C GLN B 15 -10.54 -12.75 -11.54
N ILE B 16 -10.81 -12.38 -10.30
CA ILE B 16 -9.80 -11.76 -9.45
C ILE B 16 -9.82 -12.63 -8.19
N ILE B 17 -8.64 -13.08 -7.77
CA ILE B 17 -8.56 -13.93 -6.60
C ILE B 17 -8.22 -13.17 -5.32
N THR B 18 -9.13 -13.24 -4.34
CA THR B 18 -8.89 -12.60 -3.05
C THR B 18 -8.63 -13.83 -2.18
N SER B 19 -9.50 -14.11 -1.22
CA SER B 19 -9.32 -15.32 -0.42
C SER B 19 -10.05 -16.41 -1.21
N LYS B 20 -10.79 -15.98 -2.23
CA LYS B 20 -11.55 -16.88 -3.09
C LYS B 20 -11.72 -16.23 -4.47
N PRO B 21 -12.11 -17.03 -5.47
CA PRO B 21 -12.29 -16.48 -6.83
C PRO B 21 -13.53 -15.60 -6.99
N LEU B 22 -13.33 -14.39 -7.50
CA LEU B 22 -14.44 -13.45 -7.76
C LEU B 22 -14.58 -13.36 -9.27
N SER B 23 -15.80 -13.56 -9.78
CA SER B 23 -16.06 -13.52 -11.21
C SER B 23 -16.41 -12.14 -11.72
N LEU B 24 -16.02 -11.86 -12.96
CA LEU B 24 -16.33 -10.58 -13.61
C LEU B 24 -17.79 -10.63 -13.99
N LEU B 25 -18.66 -10.13 -13.10
CA LEU B 25 -20.10 -10.15 -13.35
C LEU B 25 -20.65 -8.87 -13.98
N GLY B 26 -19.90 -7.79 -13.89
CA GLY B 26 -20.36 -6.56 -14.49
C GLY B 26 -19.24 -5.91 -15.28
N GLN B 27 -19.57 -5.39 -16.46
CA GLN B 27 -18.58 -4.73 -17.28
C GLN B 27 -19.23 -3.61 -18.07
N GLY B 28 -18.51 -2.50 -18.23
CA GLY B 28 -19.06 -1.36 -18.94
C GLY B 28 -18.05 -0.22 -19.01
N ILE B 29 -18.55 0.98 -19.27
CA ILE B 29 -17.69 2.14 -19.40
C ILE B 29 -18.33 3.41 -18.85
N THR B 30 -17.52 4.47 -18.81
CA THR B 30 -18.01 5.79 -18.45
C THR B 30 -17.67 6.58 -19.70
N ASP B 31 -18.56 7.47 -20.08
CA ASP B 31 -18.33 8.27 -21.28
C ASP B 31 -19.14 9.53 -21.21
N ILE B 32 -18.97 10.37 -22.23
CA ILE B 32 -19.73 11.59 -22.34
C ILE B 32 -20.08 11.69 -23.80
N GLU B 33 -21.10 12.49 -24.11
CA GLU B 33 -21.47 12.67 -25.49
C GLU B 33 -21.26 14.13 -25.82
N ILE B 34 -20.63 14.39 -26.96
CA ILE B 34 -20.42 15.74 -27.44
C ILE B 34 -21.25 15.72 -28.72
N HIS B 35 -22.53 16.05 -28.57
CA HIS B 35 -23.48 16.03 -29.67
C HIS B 35 -23.52 14.61 -30.23
N PHE B 36 -23.22 14.44 -31.52
CA PHE B 36 -23.27 13.11 -32.13
C PHE B 36 -22.17 12.14 -31.68
N LEU B 37 -21.06 12.68 -31.19
CA LEU B 37 -19.93 11.85 -30.80
C LEU B 37 -19.87 11.35 -29.36
N GLN B 38 -19.25 10.18 -29.20
CA GLN B 38 -19.09 9.55 -27.90
C GLN B 38 -17.60 9.57 -27.55
N VAL B 39 -17.30 9.92 -26.31
CA VAL B 39 -15.91 9.94 -25.83
C VAL B 39 -15.86 9.05 -24.59
N LYS B 40 -15.12 7.94 -24.69
CA LYS B 40 -15.00 7.00 -23.60
C LYS B 40 -13.87 7.39 -22.64
N PHE B 41 -14.16 7.38 -21.35
CA PHE B 41 -13.17 7.75 -20.35
C PHE B 41 -12.54 6.59 -19.59
N THR B 42 -13.37 5.62 -19.19
CA THR B 42 -12.85 4.46 -18.48
C THR B 42 -13.62 3.19 -18.82
N ALA B 43 -12.99 2.05 -18.55
CA ALA B 43 -13.61 0.75 -18.74
C ALA B 43 -13.73 0.23 -17.32
N ILE B 44 -14.86 -0.38 -17.00
CA ILE B 44 -15.12 -0.86 -15.65
C ILE B 44 -15.43 -2.35 -15.56
N GLY B 45 -14.94 -2.97 -14.49
CA GLY B 45 -15.20 -4.38 -14.27
C GLY B 45 -15.59 -4.57 -12.81
N VAL B 46 -16.72 -5.22 -12.57
CA VAL B 46 -17.19 -5.48 -11.20
C VAL B 46 -17.08 -6.98 -10.92
N TYR B 47 -16.38 -7.31 -9.84
CA TYR B 47 -16.13 -8.70 -9.46
C TYR B 47 -16.84 -9.13 -8.18
N LEU B 48 -17.57 -10.24 -8.27
CA LEU B 48 -18.32 -10.80 -7.14
C LEU B 48 -18.27 -12.33 -7.18
N ASP B 49 -18.44 -12.94 -6.02
CA ASP B 49 -18.47 -14.39 -5.92
C ASP B 49 -19.91 -14.85 -6.16
N PRO B 50 -20.13 -15.69 -7.17
CA PRO B 50 -21.48 -16.18 -7.46
C PRO B 50 -22.18 -16.75 -6.23
N SER B 51 -21.42 -17.45 -5.40
CA SER B 51 -21.98 -18.03 -4.18
C SER B 51 -22.54 -16.97 -3.24
N ASP B 52 -21.82 -15.86 -3.10
CA ASP B 52 -22.29 -14.76 -2.24
C ASP B 52 -23.56 -14.19 -2.83
N VAL B 53 -23.59 -14.05 -4.15
CA VAL B 53 -24.77 -13.53 -4.83
C VAL B 53 -26.00 -14.37 -4.47
N LYS B 54 -25.86 -15.69 -4.58
CA LYS B 54 -26.97 -16.60 -4.27
C LYS B 54 -27.38 -16.52 -2.81
N THR B 55 -26.41 -16.35 -1.93
CA THR B 55 -26.68 -16.26 -0.49
C THR B 55 -27.35 -14.98 -0.03
N HIS B 56 -26.88 -13.85 -0.55
CA HIS B 56 -27.41 -12.55 -0.15
C HIS B 56 -28.51 -11.92 -1.00
N LEU B 57 -28.71 -12.41 -2.22
CA LEU B 57 -29.73 -11.84 -3.09
C LEU B 57 -30.76 -12.87 -3.56
N ASP B 58 -30.95 -13.91 -2.75
CA ASP B 58 -31.90 -14.97 -3.08
C ASP B 58 -33.32 -14.47 -3.37
N ASN B 59 -33.73 -13.41 -2.68
CA ASN B 59 -35.08 -12.87 -2.88
C ASN B 59 -35.30 -12.29 -4.27
N TRP B 60 -34.24 -12.17 -5.06
CA TRP B 60 -34.36 -11.61 -6.40
C TRP B 60 -34.28 -12.66 -7.48
N LYS B 61 -34.28 -13.93 -7.09
CA LYS B 61 -34.20 -15.02 -8.04
C LYS B 61 -35.42 -15.08 -8.95
N GLY B 62 -35.20 -15.51 -10.20
CA GLY B 62 -36.29 -15.62 -11.15
C GLY B 62 -36.52 -14.37 -12.00
N LYS B 63 -35.95 -13.25 -11.58
CA LYS B 63 -36.13 -12.02 -12.33
C LYS B 63 -35.13 -11.92 -13.49
N THR B 64 -35.55 -11.27 -14.56
CA THR B 64 -34.70 -11.10 -15.73
C THR B 64 -33.71 -9.97 -15.50
N GLY B 65 -32.71 -9.88 -16.36
CA GLY B 65 -31.74 -8.82 -16.24
C GLY B 65 -32.40 -7.46 -16.40
N LYS B 66 -33.36 -7.38 -17.32
CA LYS B 66 -34.06 -6.13 -17.55
C LYS B 66 -34.85 -5.70 -16.32
N GLU B 67 -35.47 -6.68 -15.65
CA GLU B 67 -36.24 -6.38 -14.44
C GLU B 67 -35.34 -5.87 -13.33
N LEU B 68 -34.19 -6.52 -13.14
CA LEU B 68 -33.26 -6.12 -12.10
C LEU B 68 -32.61 -4.76 -12.42
N ALA B 69 -32.30 -4.54 -13.69
CA ALA B 69 -31.66 -3.31 -14.14
C ALA B 69 -32.47 -2.07 -13.79
N GLY B 70 -33.79 -2.18 -13.85
CA GLY B 70 -34.64 -1.04 -13.55
C GLY B 70 -35.12 -0.97 -12.12
N ASP B 71 -34.56 -1.78 -11.24
CA ASP B 71 -34.97 -1.80 -9.84
C ASP B 71 -33.87 -1.28 -8.91
N ASP B 72 -33.99 -0.04 -8.46
CA ASP B 72 -32.99 0.54 -7.58
C ASP B 72 -32.91 -0.14 -6.22
N ASP B 73 -33.98 -0.82 -5.83
CA ASP B 73 -33.99 -1.52 -4.55
C ASP B 73 -33.03 -2.70 -4.64
N PHE B 74 -32.93 -3.28 -5.83
CA PHE B 74 -32.02 -4.41 -6.05
C PHE B 74 -30.58 -3.97 -5.85
N PHE B 75 -30.21 -2.85 -6.44
CA PHE B 75 -28.84 -2.36 -6.32
C PHE B 75 -28.53 -1.89 -4.90
N ASP B 76 -29.55 -1.47 -4.17
CA ASP B 76 -29.34 -1.06 -2.78
C ASP B 76 -29.05 -2.31 -1.98
N ALA B 77 -29.72 -3.40 -2.32
CA ALA B 77 -29.51 -4.67 -1.63
C ALA B 77 -28.09 -5.18 -1.92
N LEU B 78 -27.64 -5.02 -3.17
CA LEU B 78 -26.32 -5.45 -3.55
C LEU B 78 -25.24 -4.67 -2.78
N ALA B 79 -25.36 -3.36 -2.77
CA ALA B 79 -24.39 -2.52 -2.07
C ALA B 79 -24.41 -2.79 -0.56
N SER B 80 -25.59 -3.00 -0.01
CA SER B 80 -25.77 -3.26 1.42
C SER B 80 -25.37 -4.67 1.83
N ALA B 81 -25.41 -5.60 0.88
CA ALA B 81 -25.06 -6.99 1.16
C ALA B 81 -23.66 -7.11 1.73
N GLU B 82 -23.52 -7.92 2.77
CA GLU B 82 -22.25 -8.14 3.43
C GLU B 82 -21.43 -9.19 2.69
N MET B 83 -20.97 -8.83 1.50
CA MET B 83 -20.16 -9.70 0.67
C MET B 83 -19.09 -8.82 0.05
N GLU B 84 -17.92 -9.38 -0.18
CA GLU B 84 -16.85 -8.59 -0.76
C GLU B 84 -17.08 -8.30 -2.23
N LYS B 85 -16.55 -7.17 -2.69
CA LYS B 85 -16.68 -6.76 -4.06
C LYS B 85 -15.40 -6.10 -4.50
N VAL B 86 -15.03 -6.31 -5.76
CA VAL B 86 -13.85 -5.65 -6.31
C VAL B 86 -14.31 -4.92 -7.54
N ILE B 87 -13.90 -3.66 -7.66
CA ILE B 87 -14.23 -2.86 -8.83
C ILE B 87 -12.90 -2.47 -9.44
N ARG B 88 -12.72 -2.79 -10.72
CA ARG B 88 -11.48 -2.50 -11.44
C ARG B 88 -11.80 -1.47 -12.51
N VAL B 89 -11.05 -0.36 -12.49
CA VAL B 89 -11.29 0.73 -13.44
C VAL B 89 -10.03 1.03 -14.23
N VAL B 90 -10.12 0.91 -15.55
CA VAL B 90 -8.98 1.19 -16.41
C VAL B 90 -9.18 2.49 -17.18
N VAL B 91 -8.17 3.35 -17.14
CA VAL B 91 -8.24 4.64 -17.81
C VAL B 91 -8.09 4.51 -19.32
N ILE B 92 -9.07 5.03 -20.05
CA ILE B 92 -9.03 5.00 -21.51
C ILE B 92 -8.55 6.38 -21.98
N LYS B 93 -9.19 7.42 -21.46
CA LYS B 93 -8.85 8.80 -21.81
C LYS B 93 -7.95 9.37 -20.69
N GLU B 94 -6.72 9.75 -21.03
CA GLU B 94 -5.82 10.27 -20.00
C GLU B 94 -6.34 11.59 -19.44
N ILE B 95 -6.27 11.70 -18.11
CA ILE B 95 -6.74 12.88 -17.40
C ILE B 95 -5.89 13.09 -16.17
N LYS B 96 -6.08 14.25 -15.53
CA LYS B 96 -5.39 14.56 -14.28
C LYS B 96 -6.15 13.71 -13.26
N GLY B 97 -5.45 13.15 -12.29
CA GLY B 97 -6.11 12.34 -11.28
C GLY B 97 -7.12 13.18 -10.51
N ALA B 98 -6.86 14.48 -10.43
CA ALA B 98 -7.77 15.39 -9.73
C ALA B 98 -9.17 15.36 -10.32
N GLN B 99 -9.27 15.17 -11.64
CA GLN B 99 -10.58 15.14 -12.28
C GLN B 99 -11.42 13.99 -11.72
N TYR B 100 -10.82 12.82 -11.66
CA TYR B 100 -11.49 11.62 -11.14
C TYR B 100 -11.78 11.84 -9.66
N GLY B 101 -10.79 12.39 -8.95
CA GLY B 101 -10.93 12.63 -7.53
C GLY B 101 -12.08 13.53 -7.14
N VAL B 102 -12.27 14.63 -7.87
CA VAL B 102 -13.36 15.56 -7.55
C VAL B 102 -14.71 15.00 -7.99
N GLN B 103 -14.70 14.09 -8.97
CA GLN B 103 -15.94 13.48 -9.44
C GLN B 103 -16.43 12.56 -8.32
N LEU B 104 -15.50 11.79 -7.75
CA LEU B 104 -15.81 10.88 -6.66
C LEU B 104 -16.30 11.71 -5.48
N GLU B 105 -15.51 12.73 -5.13
CA GLU B 105 -15.82 13.62 -4.03
C GLU B 105 -17.24 14.18 -4.15
N ASN B 106 -17.57 14.65 -5.35
CA ASN B 106 -18.88 15.23 -5.63
C ASN B 106 -20.02 14.31 -5.19
N THR B 107 -19.99 13.07 -5.66
CA THR B 107 -21.04 12.11 -5.33
C THR B 107 -21.03 11.65 -3.87
N VAL B 108 -19.85 11.36 -3.33
CA VAL B 108 -19.77 10.90 -1.95
C VAL B 108 -20.25 11.99 -0.99
N ARG B 109 -19.75 13.21 -1.17
CA ARG B 109 -20.12 14.30 -0.30
C ARG B 109 -21.61 14.66 -0.43
N ASP B 110 -22.10 14.72 -1.67
CA ASP B 110 -23.51 15.04 -1.87
C ASP B 110 -24.39 14.01 -1.19
N ARG B 111 -24.08 12.73 -1.40
CA ARG B 111 -24.85 11.64 -0.81
C ARG B 111 -24.80 11.65 0.72
N LEU B 112 -23.60 11.84 1.28
CA LEU B 112 -23.46 11.86 2.73
C LEU B 112 -24.18 13.08 3.33
N ALA B 113 -24.08 14.24 2.68
CA ALA B 113 -24.74 15.43 3.20
C ALA B 113 -26.25 15.23 3.19
N GLU B 114 -26.75 14.55 2.17
CA GLU B 114 -28.19 14.27 2.05
C GLU B 114 -28.69 13.43 3.21
N GLU B 115 -27.86 12.51 3.69
CA GLU B 115 -28.22 11.64 4.81
C GLU B 115 -27.75 12.25 6.13
N ASP B 116 -27.15 13.43 6.02
CA ASP B 116 -26.61 14.17 7.17
C ASP B 116 -25.59 13.33 7.93
N LYS B 117 -24.67 12.74 7.17
CA LYS B 117 -23.61 11.91 7.72
C LYS B 117 -22.25 12.41 7.20
N TYR B 118 -22.16 13.71 6.94
CA TYR B 118 -20.92 14.30 6.47
C TYR B 118 -20.35 15.20 7.57
N GLU B 119 -19.77 14.58 8.58
CA GLU B 119 -19.17 15.32 9.69
C GLU B 119 -17.66 15.36 9.50
N GLU B 120 -16.96 15.90 10.49
CA GLU B 120 -15.51 16.04 10.40
C GLU B 120 -14.76 14.76 10.02
N GLU B 121 -15.12 13.64 10.63
CA GLU B 121 -14.46 12.37 10.33
C GLU B 121 -14.63 11.99 8.86
N GLU B 122 -15.86 12.08 8.35
CA GLU B 122 -16.12 11.74 6.96
C GLU B 122 -15.39 12.69 6.01
N GLU B 123 -15.40 13.98 6.35
CA GLU B 123 -14.74 14.98 5.54
C GLU B 123 -13.23 14.72 5.45
N THR B 124 -12.63 14.39 6.58
CA THR B 124 -11.21 14.12 6.65
C THR B 124 -10.84 12.86 5.87
N GLU B 125 -11.66 11.82 6.01
CA GLU B 125 -11.41 10.58 5.31
C GLU B 125 -11.59 10.74 3.80
N LEU B 126 -12.63 11.48 3.40
CA LEU B 126 -12.87 11.69 1.98
C LEU B 126 -11.74 12.51 1.39
N GLU B 127 -11.23 13.47 2.15
CA GLU B 127 -10.13 14.31 1.67
C GLU B 127 -8.88 13.47 1.41
N LYS B 128 -8.68 12.42 2.20
CA LYS B 128 -7.53 11.54 2.00
C LYS B 128 -7.68 10.76 0.70
N VAL B 129 -8.91 10.38 0.36
CA VAL B 129 -9.18 9.64 -0.88
C VAL B 129 -8.97 10.59 -2.05
N VAL B 130 -9.55 11.78 -1.96
CA VAL B 130 -9.40 12.77 -3.01
C VAL B 130 -7.92 13.11 -3.19
N GLY B 131 -7.21 13.28 -2.08
CA GLY B 131 -5.80 13.62 -2.15
C GLY B 131 -4.97 12.52 -2.80
N PHE B 132 -5.38 11.27 -2.59
CA PHE B 132 -4.69 10.12 -3.16
C PHE B 132 -4.72 10.20 -4.69
N PHE B 133 -5.88 10.57 -5.23
CA PHE B 133 -6.03 10.67 -6.68
C PHE B 133 -5.48 11.98 -7.22
N GLN B 134 -5.57 13.05 -6.44
CA GLN B 134 -5.09 14.35 -6.86
C GLN B 134 -3.58 14.33 -7.15
N SER B 135 -2.84 13.52 -6.41
CA SER B 135 -1.38 13.43 -6.58
C SER B 135 -0.94 12.61 -7.78
N LYS B 136 -1.89 12.06 -8.52
CA LYS B 136 -1.54 11.24 -9.66
C LYS B 136 -2.03 11.76 -11.00
N TYR B 137 -1.30 11.38 -12.05
CA TYR B 137 -1.70 11.75 -13.40
C TYR B 137 -2.18 10.43 -13.96
N PHE B 138 -3.37 10.40 -14.56
CA PHE B 138 -3.93 9.18 -15.11
C PHE B 138 -3.54 8.92 -16.57
N LYS B 139 -2.40 8.27 -16.77
CA LYS B 139 -1.96 7.94 -18.12
C LYS B 139 -2.93 6.87 -18.62
N ALA B 140 -3.05 6.74 -19.93
CA ALA B 140 -3.94 5.72 -20.49
C ALA B 140 -3.47 4.36 -19.99
N ASN B 141 -4.42 3.46 -19.72
CA ASN B 141 -4.13 2.12 -19.24
C ASN B 141 -3.76 2.02 -17.76
N SER B 142 -3.85 3.15 -17.05
CA SER B 142 -3.59 3.16 -15.61
C SER B 142 -4.76 2.36 -15.04
N VAL B 143 -4.55 1.71 -13.91
CA VAL B 143 -5.61 0.91 -13.30
C VAL B 143 -5.92 1.30 -11.86
N ILE B 144 -7.19 1.54 -11.59
CA ILE B 144 -7.64 1.88 -10.24
C ILE B 144 -8.46 0.69 -9.77
N THR B 145 -8.14 0.15 -8.59
CA THR B 145 -8.92 -0.97 -8.07
C THR B 145 -9.45 -0.65 -6.69
N TYR B 146 -10.66 -1.12 -6.43
CA TYR B 146 -11.31 -0.94 -5.13
C TYR B 146 -11.64 -2.31 -4.59
N HIS B 147 -11.23 -2.59 -3.36
CA HIS B 147 -11.61 -3.85 -2.75
C HIS B 147 -12.45 -3.50 -1.53
N PHE B 148 -13.71 -3.87 -1.59
CA PHE B 148 -14.65 -3.61 -0.51
C PHE B 148 -14.81 -4.84 0.36
N SER B 149 -14.55 -4.69 1.66
CA SER B 149 -14.68 -5.82 2.59
C SER B 149 -16.14 -6.21 2.75
N ALA B 150 -16.37 -7.47 3.06
CA ALA B 150 -17.73 -7.97 3.26
C ALA B 150 -18.34 -7.36 4.51
N LYS B 151 -17.51 -7.18 5.54
CA LYS B 151 -17.97 -6.62 6.80
C LYS B 151 -17.03 -5.53 7.31
N ASP B 152 -17.54 -4.74 8.25
CA ASP B 152 -16.80 -3.65 8.88
C ASP B 152 -16.63 -2.42 7.99
N GLY B 153 -17.24 -2.45 6.81
CA GLY B 153 -17.18 -1.33 5.89
C GLY B 153 -15.84 -0.66 5.65
N ILE B 154 -14.87 -1.42 5.16
CA ILE B 154 -13.56 -0.86 4.85
C ILE B 154 -13.26 -1.12 3.38
N CYS B 155 -12.36 -0.33 2.82
CA CYS B 155 -12.01 -0.48 1.41
C CYS B 155 -10.53 -0.20 1.23
N GLU B 156 -9.94 -0.85 0.23
CA GLU B 156 -8.54 -0.62 -0.08
C GLU B 156 -8.52 -0.19 -1.54
N ILE B 157 -7.90 0.96 -1.80
CA ILE B 157 -7.80 1.46 -3.17
C ILE B 157 -6.38 1.20 -3.67
N GLY B 158 -6.27 0.75 -4.92
CA GLY B 158 -4.97 0.51 -5.51
C GLY B 158 -4.85 1.31 -6.80
N PHE B 159 -3.64 1.78 -7.10
CA PHE B 159 -3.41 2.53 -8.32
C PHE B 159 -2.16 1.97 -9.01
N GLU B 160 -2.34 1.49 -10.22
CA GLU B 160 -1.25 0.91 -11.02
C GLU B 160 -1.05 1.78 -12.27
N THR B 161 0.19 2.08 -12.61
CA THR B 161 0.44 2.89 -13.79
C THR B 161 1.79 2.55 -14.41
N GLU B 162 1.89 2.71 -15.73
CA GLU B 162 3.10 2.42 -16.47
C GLU B 162 4.40 2.85 -15.80
N GLY B 163 5.31 1.89 -15.61
CA GLY B 163 6.60 2.18 -15.03
C GLY B 163 6.76 2.24 -13.52
N LYS B 164 5.72 2.68 -12.81
CA LYS B 164 5.81 2.79 -11.36
C LYS B 164 5.22 1.62 -10.57
N GLU B 165 5.58 1.54 -9.29
CA GLU B 165 5.09 0.50 -8.41
C GLU B 165 3.67 0.89 -7.99
N GLU B 166 2.82 -0.12 -7.76
CA GLU B 166 1.44 0.14 -7.36
C GLU B 166 1.35 0.80 -5.99
N GLU B 167 0.47 1.78 -5.87
CA GLU B 167 0.28 2.49 -4.61
C GLU B 167 -1.10 2.11 -4.05
N LYS B 168 -1.19 2.03 -2.73
CA LYS B 168 -2.45 1.66 -2.12
C LYS B 168 -2.88 2.59 -1.00
N LEU B 169 -4.17 2.63 -0.75
CA LEU B 169 -4.73 3.47 0.30
C LEU B 169 -5.79 2.69 1.04
N LYS B 170 -5.71 2.71 2.37
CA LYS B 170 -6.69 2.02 3.20
C LYS B 170 -7.73 3.07 3.62
N VAL B 171 -9.00 2.75 3.42
CA VAL B 171 -10.09 3.65 3.80
C VAL B 171 -10.94 2.91 4.83
N GLU B 172 -11.03 3.44 6.05
CA GLU B 172 -11.79 2.74 7.08
C GLU B 172 -13.10 3.37 7.56
N ASN B 173 -13.47 4.52 7.02
CA ASN B 173 -14.72 5.16 7.43
C ASN B 173 -15.89 4.49 6.70
N ALA B 174 -16.72 3.78 7.46
CA ALA B 174 -17.86 3.06 6.90
C ALA B 174 -18.79 3.90 6.03
N ASN B 175 -19.05 5.15 6.45
CA ASN B 175 -19.93 5.99 5.65
C ASN B 175 -19.31 6.35 4.31
N VAL B 176 -18.05 6.76 4.33
CA VAL B 176 -17.37 7.12 3.10
C VAL B 176 -17.24 5.90 2.18
N VAL B 177 -16.84 4.77 2.76
CA VAL B 177 -16.69 3.53 1.98
C VAL B 177 -18.00 3.10 1.35
N GLY B 178 -19.08 3.18 2.12
CA GLY B 178 -20.38 2.80 1.61
C GLY B 178 -20.81 3.64 0.42
N MET B 179 -20.56 4.95 0.48
CA MET B 179 -20.93 5.82 -0.62
C MET B 179 -20.03 5.64 -1.84
N MET B 180 -18.76 5.31 -1.61
CA MET B 180 -17.85 5.09 -2.72
C MET B 180 -18.37 3.90 -3.52
N GLN B 181 -18.82 2.89 -2.80
CA GLN B 181 -19.36 1.68 -3.42
C GLN B 181 -20.60 2.01 -4.23
N ARG B 182 -21.47 2.84 -3.66
CA ARG B 182 -22.71 3.23 -4.34
C ARG B 182 -22.50 4.15 -5.53
N TRP B 183 -21.32 4.77 -5.62
CA TRP B 183 -21.02 5.64 -6.76
C TRP B 183 -21.07 4.78 -8.03
N TYR B 184 -20.66 3.52 -7.90
CA TYR B 184 -20.68 2.58 -9.02
C TYR B 184 -21.90 1.67 -8.98
N LEU B 185 -22.25 1.20 -7.78
CA LEU B 185 -23.37 0.28 -7.60
C LEU B 185 -24.65 0.96 -7.15
N SER B 186 -25.17 1.81 -8.01
CA SER B 186 -26.41 2.51 -7.77
C SER B 186 -27.16 2.36 -9.08
N GLY B 187 -28.32 1.73 -9.03
CA GLY B 187 -29.10 1.55 -10.24
C GLY B 187 -29.18 2.83 -11.04
N SER B 188 -30.05 3.72 -10.62
CA SER B 188 -30.28 4.99 -11.30
C SER B 188 -29.18 6.05 -11.14
N ARG B 189 -28.49 6.06 -10.00
CA ARG B 189 -27.45 7.06 -9.78
C ARG B 189 -26.00 6.57 -9.95
N GLY B 190 -25.82 5.45 -10.64
CA GLY B 190 -24.47 4.94 -10.85
C GLY B 190 -23.77 5.71 -11.94
N VAL B 191 -22.46 5.89 -11.79
CA VAL B 191 -21.66 6.64 -12.76
C VAL B 191 -21.60 5.93 -14.13
N SER B 192 -21.85 4.62 -14.12
CA SER B 192 -21.83 3.85 -15.36
C SER B 192 -23.08 3.01 -15.59
N PRO B 193 -24.04 3.55 -16.35
CA PRO B 193 -25.30 2.88 -16.66
C PRO B 193 -25.06 1.54 -17.38
N SER B 194 -24.05 1.50 -18.24
CA SER B 194 -23.74 0.28 -18.98
C SER B 194 -23.29 -0.84 -18.04
N THR B 195 -22.48 -0.51 -17.03
CA THR B 195 -22.02 -1.52 -16.09
C THR B 195 -23.21 -2.04 -15.28
N ILE B 196 -24.14 -1.14 -14.95
CA ILE B 196 -25.32 -1.49 -14.18
C ILE B 196 -26.16 -2.51 -14.94
N VAL B 197 -26.38 -2.26 -16.24
CA VAL B 197 -27.13 -3.16 -17.09
C VAL B 197 -26.44 -4.52 -17.13
N SER B 198 -25.12 -4.51 -17.29
CA SER B 198 -24.32 -5.73 -17.34
C SER B 198 -24.43 -6.54 -16.05
N ILE B 199 -24.30 -5.86 -14.91
CA ILE B 199 -24.40 -6.52 -13.60
C ILE B 199 -25.74 -7.23 -13.44
N ALA B 200 -26.81 -6.55 -13.84
CA ALA B 200 -28.15 -7.11 -13.73
C ALA B 200 -28.27 -8.39 -14.54
N ASP B 201 -27.78 -8.35 -15.78
CA ASP B 201 -27.84 -9.52 -16.65
C ASP B 201 -27.11 -10.71 -16.03
N SER B 202 -25.91 -10.46 -15.50
CA SER B 202 -25.13 -11.53 -14.88
C SER B 202 -25.77 -12.10 -13.62
N ILE B 203 -26.20 -11.23 -12.71
CA ILE B 203 -26.81 -11.71 -11.48
C ILE B 203 -28.10 -12.48 -11.79
N SER B 204 -28.84 -12.03 -12.80
CA SER B 204 -30.07 -12.73 -13.18
C SER B 204 -29.70 -14.16 -13.57
N ALA B 205 -28.60 -14.31 -14.31
CA ALA B 205 -28.13 -15.61 -14.74
C ALA B 205 -27.71 -16.47 -13.54
N VAL B 206 -27.00 -15.86 -12.59
CA VAL B 206 -26.54 -16.57 -11.41
C VAL B 206 -27.73 -17.09 -10.58
N LEU B 207 -28.76 -16.25 -10.45
CA LEU B 207 -29.93 -16.60 -9.66
C LEU B 207 -30.96 -17.49 -10.36
N THR B 208 -30.79 -17.72 -11.65
CA THR B 208 -31.71 -18.55 -12.43
C THR B 208 -31.71 -20.01 -11.98
CA CA C . 37.75 -18.34 7.29
CA CA D . 38.12 -19.90 10.94
CA CA E . -23.05 18.59 12.16
C ACT F . -21.75 18.88 15.39
O ACT F . -21.86 18.68 14.19
OXT ACT F . -20.71 18.61 15.96
CH3 ACT F . -22.92 19.43 16.16
#